data_7TW8
#
_entry.id   7TW8
#
_cell.length_a   109.147
_cell.length_b   109.147
_cell.length_c   48.654
_cell.angle_alpha   90.000
_cell.angle_beta   90.000
_cell.angle_gamma   120.000
#
_symmetry.space_group_name_H-M   'P 65'
#
loop_
_entity.id
_entity.type
_entity.pdbx_description
1 polymer 'Transcription factor ETV6,Proofreading exoribonuclease nsp14 chimera'
2 non-polymer S-ADENOSYL-L-HOMOCYSTEINE
3 non-polymer 'ZINC ION'
4 water water
#
_entity_poly.entity_id   1
_entity_poly.type   'polypeptide(L)'
_entity_poly.pdbx_seq_one_letter_code
;GSIALPAHLRLQPIYWSRDDVAQWLKWAENEFSLRPIDSNTFEMNGKALLLLTKEDFRYRSPHSGDELYELLQHILAQPA
AGDELKINAACRKVQHMVVKAALLADKFPVLHDIGNPKAIKCVPQADVEWKFYDAQPCSDKAYKIEELFYSYATHSDKFT
DGVCLFWNCNVDRYPANSIVCRFDTRVLSNLNLPGCDGGSLYVNKHAFHTPAFDKSAFVNLKQLPFFYYSDSPCESHGKQ
VVSDIDYVPLKSATCITRCNLGGAVCRHHANEYRLYLDAYNMMISAGFSLWVYKQFDTYNLWNTFTRLQ
;
_entity_poly.pdbx_strand_id   A
#
loop_
_chem_comp.id
_chem_comp.type
_chem_comp.name
_chem_comp.formula
ZN non-polymer 'ZINC ION' 'Zn 2'
#
# COMPACT_ATOMS: atom_id res chain seq x y z
N LEU A 5 -14.06 15.75 1.06
CA LEU A 5 -14.82 14.90 1.98
C LEU A 5 -14.77 13.44 1.53
N PRO A 6 -15.00 13.15 0.25
CA PRO A 6 -14.92 11.77 -0.22
C PRO A 6 -13.53 11.18 0.02
N ALA A 7 -13.50 9.88 0.37
CA ALA A 7 -12.28 9.28 0.87
C ALA A 7 -11.13 9.41 -0.12
N HIS A 8 -11.38 9.12 -1.41
CA HIS A 8 -10.31 9.20 -2.39
C HIS A 8 -9.72 10.62 -2.49
N LEU A 9 -10.54 11.64 -2.26
CA LEU A 9 -10.08 13.01 -2.37
C LEU A 9 -9.22 13.44 -1.19
N ARG A 10 -9.08 12.58 -0.18
CA ARG A 10 -8.11 12.80 0.90
C ARG A 10 -6.73 12.27 0.54
N LEU A 11 -6.62 11.46 -0.51
CA LEU A 11 -5.33 11.13 -1.07
C LEU A 11 -4.73 12.34 -1.76
N GLN A 12 -3.41 12.36 -1.87
CA GLN A 12 -2.75 13.36 -2.69
C GLN A 12 -3.29 13.28 -4.12
N PRO A 13 -3.52 14.41 -4.79
CA PRO A 13 -4.20 14.36 -6.09
C PRO A 13 -3.48 13.55 -7.15
N ILE A 14 -2.18 13.29 -7.00
CA ILE A 14 -1.49 12.43 -7.95
C ILE A 14 -2.07 11.01 -7.94
N TYR A 15 -2.76 10.62 -6.87
CA TYR A 15 -3.40 9.30 -6.80
C TYR A 15 -4.85 9.31 -7.28
N TRP A 16 -5.40 10.47 -7.65
CA TRP A 16 -6.80 10.52 -8.04
C TRP A 16 -7.02 9.84 -9.39
N SER A 17 -8.06 9.03 -9.46
CA SER A 17 -8.53 8.46 -10.71
C SER A 17 -9.33 9.50 -11.51
N ARG A 18 -9.67 9.13 -12.75
CA ARG A 18 -10.56 10.00 -13.53
C ARG A 18 -11.89 10.18 -12.81
N ASP A 19 -12.42 9.11 -12.21
CA ASP A 19 -13.67 9.23 -11.46
C ASP A 19 -13.51 10.14 -10.25
N ASP A 20 -12.38 10.04 -9.55
CA ASP A 20 -12.12 10.92 -8.42
C ASP A 20 -12.15 12.38 -8.84
N VAL A 21 -11.55 12.70 -9.98
CA VAL A 21 -11.56 14.08 -10.48
C VAL A 21 -12.99 14.54 -10.71
N ALA A 22 -13.84 13.67 -11.24
CA ALA A 22 -15.24 14.05 -11.43
C ALA A 22 -15.94 14.31 -10.10
N GLN A 23 -15.69 13.45 -9.10
CA GLN A 23 -16.28 13.70 -7.79
C GLN A 23 -15.73 14.98 -7.17
N TRP A 24 -14.47 15.32 -7.47
CA TRP A 24 -13.89 16.57 -6.98
C TRP A 24 -14.63 17.77 -7.56
N LEU A 25 -14.97 17.72 -8.85
CA LEU A 25 -15.74 18.82 -9.44
C LEU A 25 -17.08 18.99 -8.74
N LYS A 26 -17.77 17.88 -8.46
CA LYS A 26 -19.07 17.96 -7.79
C LYS A 26 -18.94 18.46 -6.37
N TRP A 27 -17.93 18.00 -5.64
CA TRP A 27 -17.69 18.52 -4.30
C TRP A 27 -17.44 20.03 -4.34
N ALA A 28 -16.60 20.48 -5.28
CA ALA A 28 -16.28 21.89 -5.36
C ALA A 28 -17.50 22.71 -5.77
N GLU A 29 -18.31 22.19 -6.69
CA GLU A 29 -19.55 22.86 -7.06
C GLU A 29 -20.38 23.17 -5.83
N ASN A 30 -20.54 22.19 -4.94
CA ASN A 30 -21.38 22.38 -3.77
C ASN A 30 -20.69 23.23 -2.70
N GLU A 31 -19.39 23.03 -2.48
CA GLU A 31 -18.72 23.76 -1.42
C GLU A 31 -18.64 25.24 -1.74
N PHE A 32 -18.52 25.61 -3.02
CA PHE A 32 -18.28 27.00 -3.40
C PHE A 32 -19.41 27.60 -4.24
N SER A 33 -20.54 26.89 -4.36
CA SER A 33 -21.72 27.41 -5.08
C SER A 33 -21.38 27.80 -6.51
N LEU A 34 -20.64 26.94 -7.19
CA LEU A 34 -20.20 27.22 -8.54
C LEU A 34 -21.25 26.78 -9.55
N ARG A 35 -21.13 27.32 -10.76
CA ARG A 35 -21.99 26.88 -11.85
C ARG A 35 -21.75 25.40 -12.11
N PRO A 36 -22.79 24.58 -12.22
CA PRO A 36 -22.55 23.17 -12.54
C PRO A 36 -21.93 23.01 -13.92
N ILE A 37 -20.88 22.20 -14.00
CA ILE A 37 -20.24 21.88 -15.27
C ILE A 37 -20.32 20.38 -15.51
N ASP A 38 -20.27 20.02 -16.79
CA ASP A 38 -20.43 18.62 -17.17
C ASP A 38 -19.35 17.77 -16.52
N SER A 39 -19.73 16.54 -16.20
CA SER A 39 -18.90 15.67 -15.38
C SER A 39 -17.55 15.35 -16.02
N ASN A 40 -17.41 15.49 -17.33
CA ASN A 40 -16.14 15.23 -18.01
C ASN A 40 -15.60 16.49 -18.68
N THR A 41 -15.79 17.62 -18.00
CA THR A 41 -15.08 18.84 -18.37
C THR A 41 -13.58 18.66 -18.20
N PHE A 42 -13.17 17.79 -17.27
CA PHE A 42 -11.77 17.45 -17.02
C PHE A 42 -11.62 15.92 -17.12
N GLU A 43 -11.71 15.40 -18.34
CA GLU A 43 -11.73 13.95 -18.56
C GLU A 43 -10.29 13.43 -18.55
N MET A 44 -9.77 13.25 -17.33
CA MET A 44 -8.40 12.79 -17.10
C MET A 44 -8.28 12.40 -15.63
N ASN A 45 -7.14 11.78 -15.29
CA ASN A 45 -6.85 11.45 -13.91
C ASN A 45 -6.08 12.59 -13.24
N GLY A 46 -5.73 12.40 -11.96
CA GLY A 46 -5.09 13.46 -11.20
C GLY A 46 -3.71 13.79 -11.72
N LYS A 47 -2.93 12.77 -12.09
CA LYS A 47 -1.63 13.02 -12.70
C LYS A 47 -1.73 14.00 -13.86
N ALA A 48 -2.76 13.83 -14.69
CA ALA A 48 -2.95 14.72 -15.83
C ALA A 48 -3.40 16.09 -15.37
N LEU A 49 -4.36 16.12 -14.44
CA LEU A 49 -4.85 17.39 -13.89
C LEU A 49 -3.71 18.28 -13.43
N LEU A 50 -2.67 17.68 -12.83
CA LEU A 50 -1.55 18.44 -12.30
C LEU A 50 -0.67 19.02 -13.39
N LEU A 51 -0.79 18.55 -14.63
CA LEU A 51 0.01 19.07 -15.74
C LEU A 51 -0.64 20.26 -16.44
N LEU A 52 -1.93 20.49 -16.20
CA LEU A 52 -2.64 21.60 -16.81
C LEU A 52 -2.17 22.93 -16.24
N THR A 53 -2.21 23.97 -17.07
CA THR A 53 -1.94 25.33 -16.63
C THR A 53 -3.23 25.96 -16.10
N LYS A 54 -3.08 27.10 -15.41
CA LYS A 54 -4.27 27.80 -14.98
C LYS A 54 -5.08 28.27 -16.18
N GLU A 55 -4.40 28.68 -17.25
CA GLU A 55 -5.11 29.05 -18.47
C GLU A 55 -5.93 27.87 -19.01
N ASP A 56 -5.37 26.66 -18.96
CA ASP A 56 -6.13 25.49 -19.41
C ASP A 56 -7.39 25.31 -18.58
N PHE A 57 -7.31 25.53 -17.27
CA PHE A 57 -8.49 25.46 -16.42
C PHE A 57 -9.53 26.49 -16.84
N ARG A 58 -9.10 27.74 -17.08
CA ARG A 58 -10.09 28.76 -17.44
C ARG A 58 -10.72 28.46 -18.80
N TYR A 59 -9.93 27.98 -19.76
CA TYR A 59 -10.52 27.60 -21.04
C TYR A 59 -11.50 26.45 -20.87
N ARG A 60 -11.16 25.49 -20.01
CA ARG A 60 -12.02 24.32 -19.82
C ARG A 60 -13.29 24.68 -19.08
N SER A 61 -13.23 25.61 -18.14
CA SER A 61 -14.40 26.06 -17.40
C SER A 61 -14.33 27.58 -17.29
N PRO A 62 -14.89 28.28 -18.27
CA PRO A 62 -14.86 29.76 -18.20
C PRO A 62 -15.44 30.30 -16.91
N HIS A 63 -16.40 29.60 -16.31
CA HIS A 63 -17.12 30.11 -15.16
C HIS A 63 -16.50 29.72 -13.83
N SER A 64 -15.66 28.68 -13.77
CA SER A 64 -15.14 28.22 -12.50
C SER A 64 -13.71 27.73 -12.54
N GLY A 65 -13.06 27.73 -13.70
CA GLY A 65 -11.74 27.11 -13.81
C GLY A 65 -10.70 27.75 -12.92
N ASP A 66 -10.67 29.09 -12.85
CA ASP A 66 -9.66 29.75 -12.02
C ASP A 66 -9.83 29.33 -10.56
N GLU A 67 -11.07 29.30 -10.07
CA GLU A 67 -11.37 28.82 -8.72
C GLU A 67 -10.90 27.39 -8.52
N LEU A 68 -11.18 26.52 -9.49
CA LEU A 68 -10.80 25.12 -9.35
C LEU A 68 -9.28 24.97 -9.31
N TYR A 69 -8.58 25.71 -10.17
CA TYR A 69 -7.12 25.69 -10.13
C TYR A 69 -6.60 26.10 -8.76
N GLU A 70 -7.14 27.18 -8.20
CA GLU A 70 -6.63 27.66 -6.92
C GLU A 70 -6.96 26.68 -5.80
N LEU A 71 -8.16 26.08 -5.84
CA LEU A 71 -8.50 25.02 -4.91
C LEU A 71 -7.45 23.91 -4.96
N LEU A 72 -7.11 23.45 -6.16
CA LEU A 72 -6.10 22.41 -6.30
C LEU A 72 -4.77 22.84 -5.69
N GLN A 73 -4.36 24.10 -5.89
CA GLN A 73 -3.11 24.55 -5.29
C GLN A 73 -3.19 24.51 -3.77
N HIS A 74 -4.35 24.87 -3.21
CA HIS A 74 -4.50 24.83 -1.75
C HIS A 74 -4.45 23.40 -1.24
N ILE A 75 -5.09 22.47 -1.95
CA ILE A 75 -5.01 21.07 -1.60
C ILE A 75 -3.57 20.59 -1.65
N LEU A 76 -2.84 21.03 -2.66
CA LEU A 76 -1.45 20.59 -2.81
C LEU A 76 -0.56 21.17 -1.72
N ALA A 77 -0.90 22.36 -1.23
CA ALA A 77 -0.06 23.01 -0.22
C ALA A 77 -0.36 22.50 1.18
N GLN A 78 -1.64 22.20 1.47
CA GLN A 78 -2.09 21.76 2.78
C GLN A 78 -2.82 20.44 2.60
N PRO A 79 -2.08 19.32 2.49
CA PRO A 79 -2.74 18.04 2.20
C PRO A 79 -3.79 17.67 3.23
N ALA A 80 -4.75 16.86 2.78
CA ALA A 80 -5.89 16.50 3.60
C ALA A 80 -5.46 15.78 4.88
N ALA A 81 -6.35 15.78 5.87
CA ALA A 81 -6.04 15.25 7.18
C ALA A 81 -5.63 13.78 7.11
N GLY A 82 -6.52 12.93 6.61
CA GLY A 82 -6.28 11.51 6.63
C GLY A 82 -6.77 10.88 7.93
N ASP A 83 -7.55 9.81 7.83
CA ASP A 83 -8.18 9.21 9.00
C ASP A 83 -7.30 8.08 9.54
N GLU A 84 -6.95 8.18 10.82
CA GLU A 84 -6.03 7.20 11.41
C GLU A 84 -6.62 5.80 11.38
N LEU A 85 -7.94 5.68 11.59
CA LEU A 85 -8.57 4.36 11.62
C LEU A 85 -8.46 3.68 10.25
N LYS A 86 -8.84 4.40 9.20
CA LYS A 86 -8.78 3.81 7.86
C LYS A 86 -7.33 3.56 7.45
N ILE A 87 -6.41 4.45 7.81
CA ILE A 87 -5.03 4.27 7.39
C ILE A 87 -4.42 3.06 8.09
N ASN A 88 -4.73 2.88 9.38
CA ASN A 88 -4.32 1.68 10.09
C ASN A 88 -4.77 0.42 9.38
N ALA A 89 -6.07 0.34 9.07
CA ALA A 89 -6.60 -0.85 8.41
C ALA A 89 -5.93 -1.07 7.06
N ALA A 90 -5.75 0.01 6.28
CA ALA A 90 -5.04 -0.11 5.01
C ALA A 90 -3.65 -0.69 5.21
N CYS A 91 -2.93 -0.21 6.23
CA CYS A 91 -1.58 -0.71 6.46
CA CYS A 91 -1.59 -0.70 6.51
C CYS A 91 -1.60 -2.18 6.84
N ARG A 92 -2.61 -2.62 7.61
CA ARG A 92 -2.68 -4.03 7.99
C ARG A 92 -3.01 -4.91 6.80
N LYS A 93 -3.85 -4.41 5.87
CA LYS A 93 -4.14 -5.15 4.64
C LYS A 93 -2.86 -5.38 3.84
N VAL A 94 -2.05 -4.34 3.72
CA VAL A 94 -0.82 -4.46 2.96
C VAL A 94 0.15 -5.38 3.69
N GLN A 95 0.26 -5.23 5.01
CA GLN A 95 1.14 -6.10 5.78
C GLN A 95 0.83 -7.56 5.53
N HIS A 96 -0.45 -7.93 5.59
CA HIS A 96 -0.84 -9.32 5.39
C HIS A 96 -0.53 -9.79 3.97
N MET A 97 -0.89 -8.98 2.96
CA MET A 97 -0.56 -9.26 1.57
C MET A 97 0.91 -9.58 1.39
N VAL A 98 1.76 -8.65 1.83
CA VAL A 98 3.19 -8.72 1.52
C VAL A 98 3.83 -9.87 2.28
N VAL A 99 3.54 -10.01 3.57
CA VAL A 99 4.20 -11.07 4.33
C VAL A 99 3.71 -12.43 3.87
N LYS A 100 2.42 -12.57 3.57
CA LYS A 100 1.88 -13.81 3.04
C LYS A 100 2.61 -14.20 1.76
N ALA A 101 2.77 -13.24 0.85
CA ALA A 101 3.43 -13.50 -0.42
C ALA A 101 4.87 -13.92 -0.21
N ALA A 102 5.61 -13.20 0.64
CA ALA A 102 7.01 -13.53 0.90
C ALA A 102 7.15 -14.95 1.42
N LEU A 103 6.29 -15.34 2.35
CA LEU A 103 6.36 -16.68 2.92
C LEU A 103 6.06 -17.75 1.88
N LEU A 104 5.08 -17.49 1.00
CA LEU A 104 4.77 -18.45 -0.06
C LEU A 104 5.90 -18.50 -1.09
N ALA A 105 6.47 -17.35 -1.43
CA ALA A 105 7.47 -17.31 -2.49
C ALA A 105 8.77 -18.00 -2.07
N ASP A 106 9.20 -17.79 -0.83
CA ASP A 106 10.54 -18.19 -0.41
C ASP A 106 10.56 -19.22 0.71
N LYS A 107 9.40 -19.53 1.29
CA LYS A 107 9.27 -20.70 2.16
C LYS A 107 10.21 -20.63 3.38
N PHE A 108 10.40 -19.42 3.88
CA PHE A 108 11.21 -19.24 5.08
C PHE A 108 10.71 -20.13 6.20
N PRO A 109 11.58 -20.84 6.92
CA PRO A 109 11.10 -21.69 8.02
C PRO A 109 10.82 -20.92 9.30
N VAL A 110 11.37 -19.73 9.45
CA VAL A 110 11.18 -18.92 10.65
C VAL A 110 11.01 -17.46 10.24
N LEU A 111 10.14 -16.76 10.95
CA LEU A 111 9.95 -15.32 10.80
C LEU A 111 10.23 -14.65 12.13
N HIS A 112 11.12 -13.67 12.11
CA HIS A 112 11.53 -12.90 13.28
C HIS A 112 10.80 -11.56 13.21
N ASP A 113 9.76 -11.42 14.02
CA ASP A 113 8.88 -10.25 13.98
C ASP A 113 9.40 -9.25 15.01
N ILE A 114 10.16 -8.27 14.55
CA ILE A 114 10.93 -7.38 15.43
C ILE A 114 10.18 -6.06 15.55
N GLY A 115 9.83 -5.70 16.77
CA GLY A 115 8.95 -4.57 17.01
C GLY A 115 7.49 -4.92 17.03
N ASN A 116 7.16 -6.12 17.49
CA ASN A 116 5.77 -6.55 17.62
C ASN A 116 5.49 -6.74 19.10
N PRO A 117 4.82 -5.80 19.76
CA PRO A 117 4.65 -5.87 21.21
C PRO A 117 3.42 -6.62 21.66
N LYS A 118 2.61 -7.14 20.73
CA LYS A 118 1.37 -7.81 21.07
C LYS A 118 1.34 -9.28 20.67
N ALA A 119 2.38 -9.78 20.02
CA ALA A 119 2.50 -11.20 19.68
C ALA A 119 1.32 -11.65 18.80
N ILE A 120 0.98 -10.82 17.83
N ILE A 120 0.95 -10.79 17.85
CA ILE A 120 -0.09 -11.11 16.88
CA ILE A 120 -0.07 -11.09 16.86
C ILE A 120 0.55 -11.31 15.51
C ILE A 120 0.63 -11.34 15.53
N LYS A 121 0.28 -12.46 14.89
CA LYS A 121 0.82 -12.77 13.57
C LYS A 121 -0.02 -12.10 12.49
N CYS A 122 0.63 -11.43 11.53
CA CYS A 122 -0.14 -10.86 10.43
C CYS A 122 -0.54 -11.91 9.40
N VAL A 123 0.09 -13.09 9.40
CA VAL A 123 -0.30 -14.21 8.54
C VAL A 123 -0.43 -15.47 9.39
N PRO A 124 -1.48 -15.58 10.20
CA PRO A 124 -1.58 -16.71 11.14
C PRO A 124 -1.72 -18.07 10.47
N GLN A 125 -2.10 -18.10 9.20
CA GLN A 125 -2.30 -19.35 8.49
C GLN A 125 -1.00 -19.92 7.93
N ALA A 126 0.07 -19.14 7.90
CA ALA A 126 1.30 -19.58 7.27
C ALA A 126 1.93 -20.73 8.05
N ASP A 127 2.59 -21.62 7.31
CA ASP A 127 3.38 -22.70 7.89
C ASP A 127 4.78 -22.15 8.11
N VAL A 128 4.99 -21.55 9.28
CA VAL A 128 6.28 -20.95 9.63
C VAL A 128 6.31 -20.83 11.15
N GLU A 129 7.52 -20.94 11.72
CA GLU A 129 7.72 -20.64 13.13
C GLU A 129 7.81 -19.13 13.30
N TRP A 130 6.86 -18.55 14.02
CA TRP A 130 6.76 -17.11 14.23
C TRP A 130 7.38 -16.77 15.59
N LYS A 131 8.37 -15.89 15.59
CA LYS A 131 8.99 -15.41 16.82
C LYS A 131 8.83 -13.89 16.95
N PHE A 132 8.55 -13.44 18.17
CA PHE A 132 8.29 -12.04 18.42
C PHE A 132 9.36 -11.41 19.30
N TYR A 133 9.67 -10.16 19.00
CA TYR A 133 10.66 -9.39 19.75
C TYR A 133 10.17 -7.95 19.84
N ASP A 134 10.47 -7.30 20.97
CA ASP A 134 10.14 -5.88 21.13
C ASP A 134 10.93 -5.30 22.29
N ALA A 135 11.33 -4.04 22.15
CA ALA A 135 12.05 -3.35 23.22
C ALA A 135 11.15 -3.10 24.42
N GLN A 136 9.85 -2.98 24.21
CA GLN A 136 8.88 -2.72 25.28
C GLN A 136 7.62 -3.55 25.03
N PRO A 137 7.70 -4.85 25.27
CA PRO A 137 6.52 -5.71 25.05
C PRO A 137 5.36 -5.29 25.92
N CYS A 138 4.15 -5.43 25.38
CA CYS A 138 2.95 -5.25 26.17
C CYS A 138 3.01 -6.20 27.35
N SER A 139 2.70 -5.74 28.56
CA SER A 139 2.89 -6.60 29.72
C SER A 139 2.03 -7.86 29.64
N ASP A 140 0.89 -7.80 28.93
CA ASP A 140 -0.01 -8.96 28.85
C ASP A 140 0.36 -9.93 27.73
N LYS A 141 1.43 -9.65 26.98
CA LYS A 141 1.95 -10.58 25.98
C LYS A 141 3.45 -10.82 26.13
N ALA A 142 4.11 -10.20 27.11
CA ALA A 142 5.55 -10.33 27.27
C ALA A 142 5.98 -11.78 27.52
N TYR A 143 5.08 -12.62 28.04
CA TYR A 143 5.44 -14.00 28.30
C TYR A 143 5.84 -14.74 27.03
N LYS A 144 5.53 -14.20 25.85
CA LYS A 144 5.91 -14.86 24.61
C LYS A 144 6.56 -13.89 23.64
N ILE A 145 7.17 -12.84 24.17
CA ILE A 145 7.90 -11.85 23.38
C ILE A 145 9.28 -11.69 24.00
N GLU A 146 10.32 -11.78 23.18
CA GLU A 146 11.67 -11.53 23.64
C GLU A 146 11.88 -10.02 23.79
N GLU A 147 12.21 -9.57 24.99
CA GLU A 147 12.49 -8.16 25.23
C GLU A 147 13.86 -7.81 24.66
N LEU A 148 13.87 -7.05 23.58
CA LEU A 148 15.10 -6.84 22.80
C LEU A 148 15.00 -5.52 22.06
N PHE A 149 16.08 -4.73 22.13
CA PHE A 149 16.21 -3.52 21.31
C PHE A 149 17.16 -3.86 20.18
N TYR A 150 16.63 -3.92 18.96
CA TYR A 150 17.41 -4.29 17.79
C TYR A 150 18.29 -3.13 17.36
N SER A 151 19.58 -3.41 17.20
CA SER A 151 20.51 -2.53 16.52
C SER A 151 21.37 -3.38 15.61
N TYR A 152 21.56 -2.89 14.38
CA TYR A 152 22.37 -3.64 13.42
C TYR A 152 23.79 -3.83 13.94
N ALA A 153 24.33 -2.82 14.63
CA ALA A 153 25.68 -2.93 15.15
C ALA A 153 25.78 -4.03 16.19
N THR A 154 24.69 -4.35 16.88
CA THR A 154 24.69 -5.36 17.92
C THR A 154 24.16 -6.71 17.45
N HIS A 155 23.31 -6.73 16.41
CA HIS A 155 22.55 -7.93 16.07
C HIS A 155 22.70 -8.39 14.63
N SER A 156 23.65 -7.86 13.88
CA SER A 156 23.68 -8.16 12.45
C SER A 156 24.06 -9.61 12.15
N ASP A 157 24.68 -10.33 13.09
CA ASP A 157 24.94 -11.75 12.87
C ASP A 157 23.95 -12.62 13.63
N LYS A 158 22.83 -12.06 14.05
CA LYS A 158 21.72 -12.79 14.64
C LYS A 158 20.55 -12.80 13.65
N PHE A 159 19.55 -13.64 13.93
CA PHE A 159 18.34 -13.73 13.11
C PHE A 159 18.67 -13.96 11.64
N THR A 160 19.69 -14.78 11.37
CA THR A 160 20.10 -15.01 10.00
C THR A 160 19.32 -16.13 9.32
N ASP A 161 18.55 -16.91 10.08
CA ASP A 161 17.67 -17.91 9.52
C ASP A 161 16.31 -17.32 9.24
N GLY A 162 15.69 -17.78 8.15
CA GLY A 162 14.37 -17.28 7.81
C GLY A 162 14.40 -15.82 7.40
N VAL A 163 13.35 -15.09 7.77
CA VAL A 163 13.16 -13.71 7.38
C VAL A 163 12.80 -12.88 8.62
N CYS A 164 13.20 -11.62 8.61
CA CYS A 164 12.83 -10.67 9.65
C CYS A 164 11.75 -9.73 9.13
N LEU A 165 10.80 -9.39 9.99
CA LEU A 165 9.76 -8.43 9.71
C LEU A 165 9.95 -7.20 10.60
N PHE A 166 10.09 -6.04 9.97
CA PHE A 166 10.17 -4.76 10.66
C PHE A 166 9.01 -3.91 10.14
N TRP A 167 7.83 -4.10 10.69
CA TRP A 167 6.67 -3.35 10.20
C TRP A 167 6.55 -2.10 11.08
N ASN A 168 7.10 -0.99 10.59
CA ASN A 168 7.13 0.28 11.31
C ASN A 168 7.88 0.12 12.63
N CYS A 169 9.00 -0.58 12.57
CA CYS A 169 9.97 -0.66 13.66
C CYS A 169 11.25 -0.06 13.10
N ASN A 170 11.47 1.21 13.41
CA ASN A 170 12.48 2.03 12.75
C ASN A 170 13.81 1.81 13.44
N VAL A 171 14.67 1.00 12.85
CA VAL A 171 15.96 0.69 13.43
C VAL A 171 17.05 1.36 12.60
N ASP A 172 18.28 1.33 13.13
CA ASP A 172 19.38 2.04 12.49
C ASP A 172 19.64 1.51 11.10
N ARG A 173 19.61 0.19 10.93
CA ARG A 173 19.83 -0.39 9.61
C ARG A 173 19.22 -1.78 9.62
N TYR A 174 18.51 -2.11 8.55
CA TYR A 174 17.82 -3.40 8.51
C TYR A 174 18.75 -4.48 7.95
N PRO A 175 18.68 -5.71 8.49
CA PRO A 175 19.50 -6.80 7.93
C PRO A 175 18.99 -7.19 6.55
N ALA A 176 19.82 -7.98 5.85
CA ALA A 176 19.51 -8.31 4.46
C ALA A 176 18.24 -9.13 4.32
N ASN A 177 17.93 -9.97 5.30
CA ASN A 177 16.79 -10.86 5.18
C ASN A 177 15.57 -10.24 5.86
N SER A 178 15.09 -9.12 5.28
CA SER A 178 14.05 -8.34 5.93
C SER A 178 12.88 -7.97 5.01
N ILE A 179 11.72 -7.78 5.63
CA ILE A 179 10.54 -7.15 5.05
C ILE A 179 10.24 -5.93 5.89
N VAL A 180 10.13 -4.75 5.27
CA VAL A 180 10.10 -3.50 6.02
C VAL A 180 8.99 -2.58 5.52
N CYS A 181 8.30 -1.94 6.47
CA CYS A 181 7.48 -0.77 6.18
C CYS A 181 8.00 0.37 7.05
N ARG A 182 8.23 1.53 6.44
CA ARG A 182 8.73 2.67 7.19
C ARG A 182 8.00 3.94 6.81
N PHE A 183 7.68 4.76 7.82
CA PHE A 183 7.03 6.03 7.59
C PHE A 183 8.07 7.14 7.43
N ASP A 184 7.74 8.11 6.56
CA ASP A 184 8.60 9.28 6.37
C ASP A 184 8.35 10.33 7.45
N LYS A 215 18.26 7.17 3.72
CA LYS A 215 18.31 6.04 2.80
C LYS A 215 19.30 4.98 3.27
N SER A 216 20.27 5.40 4.09
CA SER A 216 21.31 4.50 4.55
C SER A 216 20.75 3.33 5.36
N ALA A 217 19.58 3.50 5.98
CA ALA A 217 18.96 2.39 6.70
C ALA A 217 18.61 1.21 5.78
N PHE A 218 18.46 1.46 4.48
CA PHE A 218 17.90 0.46 3.57
C PHE A 218 18.91 -0.19 2.64
N VAL A 219 20.21 0.01 2.86
CA VAL A 219 21.20 -0.38 1.85
C VAL A 219 21.18 -1.88 1.57
N ASN A 220 20.79 -2.69 2.54
CA ASN A 220 20.79 -4.13 2.35
C ASN A 220 19.55 -4.63 1.59
N LEU A 221 18.64 -3.72 1.24
CA LEU A 221 17.31 -4.06 0.74
C LEU A 221 17.07 -3.36 -0.58
N LYS A 222 15.92 -3.65 -1.19
CA LYS A 222 15.44 -2.96 -2.38
C LYS A 222 14.02 -2.47 -2.12
N GLN A 223 13.62 -1.44 -2.87
CA GLN A 223 12.23 -1.00 -2.80
C GLN A 223 11.30 -2.11 -3.28
N LEU A 224 10.15 -2.23 -2.65
CA LEU A 224 9.17 -3.24 -3.02
C LEU A 224 8.12 -2.61 -3.91
N PRO A 225 8.07 -2.93 -5.18
CA PRO A 225 7.00 -2.38 -6.02
C PRO A 225 5.67 -3.04 -5.74
N PHE A 226 4.62 -2.33 -6.13
CA PHE A 226 3.27 -2.83 -5.93
C PHE A 226 3.04 -4.14 -6.67
N PHE A 227 2.34 -5.04 -5.99
CA PHE A 227 1.74 -6.22 -6.60
C PHE A 227 0.53 -6.61 -5.77
N TYR A 228 -0.34 -7.41 -6.39
CA TYR A 228 -1.46 -8.05 -5.72
C TYR A 228 -1.36 -9.54 -5.99
N TYR A 229 -1.44 -10.34 -4.92
CA TYR A 229 -1.41 -11.79 -5.03
C TYR A 229 -2.65 -12.36 -4.34
N SER A 230 -3.30 -13.32 -5.00
CA SER A 230 -4.37 -14.05 -4.35
C SER A 230 -4.42 -15.49 -4.85
N ASP A 231 -4.64 -16.40 -3.91
CA ASP A 231 -4.86 -17.81 -4.19
C ASP A 231 -6.28 -18.24 -3.87
N SER A 232 -7.18 -17.30 -3.62
CA SER A 232 -8.58 -17.62 -3.37
C SER A 232 -9.25 -18.05 -4.67
N PRO A 233 -10.34 -18.81 -4.58
CA PRO A 233 -10.97 -19.32 -5.82
C PRO A 233 -11.51 -18.22 -6.70
N CYS A 234 -11.36 -18.42 -8.01
CA CYS A 234 -11.92 -17.48 -8.97
C CYS A 234 -13.43 -17.65 -9.07
N GLU A 235 -14.11 -16.52 -9.30
CA GLU A 235 -15.56 -16.49 -9.44
C GLU A 235 -15.90 -15.44 -10.48
N SER A 236 -16.89 -15.73 -11.33
CA SER A 236 -17.20 -14.89 -12.47
C SER A 236 -18.41 -13.99 -12.29
N HIS A 237 -19.27 -14.26 -11.29
CA HIS A 237 -20.43 -13.39 -11.08
C HIS A 237 -20.73 -13.19 -9.60
N TYR A 247 -18.27 -6.02 -14.78
CA TYR A 247 -17.16 -5.21 -14.35
C TYR A 247 -16.36 -4.70 -15.54
N VAL A 248 -15.76 -3.53 -15.41
CA VAL A 248 -14.76 -3.09 -16.37
C VAL A 248 -13.62 -4.09 -16.28
N PRO A 249 -13.22 -4.75 -17.37
CA PRO A 249 -12.15 -5.75 -17.28
C PRO A 249 -10.90 -5.14 -16.67
N LEU A 250 -10.18 -5.92 -15.88
CA LEU A 250 -8.94 -5.48 -15.27
C LEU A 250 -7.78 -5.99 -16.10
N LYS A 251 -7.01 -5.07 -16.66
CA LYS A 251 -5.76 -5.36 -17.36
C LYS A 251 -4.63 -4.84 -16.47
N SER A 252 -3.80 -5.74 -15.96
CA SER A 252 -2.67 -5.34 -15.14
C SER A 252 -1.68 -6.48 -14.95
N ALA A 253 -0.40 -6.22 -15.24
CA ALA A 253 0.64 -7.21 -15.07
C ALA A 253 0.89 -7.56 -13.61
N THR A 254 0.42 -6.73 -12.68
CA THR A 254 0.70 -6.89 -11.25
C THR A 254 -0.43 -7.58 -10.51
N CYS A 255 -1.42 -8.08 -11.22
CA CYS A 255 -2.49 -8.87 -10.61
C CYS A 255 -2.07 -10.33 -10.70
N ILE A 256 -1.50 -10.86 -9.63
CA ILE A 256 -0.89 -12.19 -9.63
C ILE A 256 -1.96 -13.15 -9.12
N THR A 257 -2.76 -13.64 -10.07
CA THR A 257 -3.87 -14.54 -9.80
C THR A 257 -3.93 -15.60 -10.91
N ARG A 258 -4.51 -16.75 -10.58
CA ARG A 258 -4.60 -17.85 -11.54
CA ARG A 258 -4.59 -17.84 -11.55
C ARG A 258 -5.31 -17.40 -12.81
N CYS A 259 -6.34 -16.57 -12.67
CA CYS A 259 -7.11 -16.09 -13.81
C CYS A 259 -6.35 -15.08 -14.67
N ASN A 260 -5.25 -14.52 -14.16
CA ASN A 260 -4.44 -13.62 -14.99
C ASN A 260 -3.29 -14.34 -15.69
N LEU A 261 -3.12 -15.65 -15.47
CA LEU A 261 -2.15 -16.37 -16.28
C LEU A 261 -2.45 -16.20 -17.75
N GLY A 262 -3.74 -16.19 -18.12
CA GLY A 262 -4.19 -15.97 -19.47
C GLY A 262 -4.75 -14.59 -19.74
N GLY A 263 -4.56 -13.65 -18.83
CA GLY A 263 -4.99 -12.28 -19.03
C GLY A 263 -6.48 -12.03 -18.95
N ALA A 264 -7.24 -12.91 -18.29
CA ALA A 264 -8.70 -12.76 -18.20
C ALA A 264 -9.12 -12.81 -16.72
N VAL A 265 -8.85 -11.71 -16.02
CA VAL A 265 -9.09 -11.66 -14.58
C VAL A 265 -10.58 -11.81 -14.30
N CYS A 266 -10.91 -12.69 -13.36
CA CYS A 266 -12.31 -12.91 -13.00
C CYS A 266 -12.84 -11.69 -12.23
N ARG A 267 -14.17 -11.60 -12.16
CA ARG A 267 -14.79 -10.46 -11.47
C ARG A 267 -14.37 -10.40 -10.01
N HIS A 268 -14.30 -11.55 -9.34
CA HIS A 268 -13.93 -11.58 -7.93
C HIS A 268 -12.56 -10.95 -7.70
N HIS A 269 -11.56 -11.36 -8.48
CA HIS A 269 -10.21 -10.85 -8.29
C HIS A 269 -10.05 -9.45 -8.83
N ALA A 270 -10.82 -9.08 -9.86
CA ALA A 270 -10.87 -7.69 -10.28
C ALA A 270 -11.32 -6.80 -9.12
N ASN A 271 -12.42 -7.18 -8.46
CA ASN A 271 -12.92 -6.40 -7.33
C ASN A 271 -11.87 -6.34 -6.22
N GLU A 272 -11.30 -7.50 -5.85
CA GLU A 272 -10.37 -7.54 -4.73
C GLU A 272 -9.08 -6.79 -5.04
N TYR A 273 -8.63 -6.85 -6.30
CA TYR A 273 -7.44 -6.10 -6.69
C TYR A 273 -7.67 -4.60 -6.54
N ARG A 274 -8.84 -4.11 -6.97
CA ARG A 274 -9.09 -2.68 -6.88
C ARG A 274 -9.23 -2.24 -5.42
N LEU A 275 -9.85 -3.08 -4.58
CA LEU A 275 -9.91 -2.76 -3.16
C LEU A 275 -8.51 -2.73 -2.55
N TYR A 276 -7.65 -3.68 -2.95
CA TYR A 276 -6.31 -3.71 -2.42
C TYR A 276 -5.51 -2.50 -2.89
N LEU A 277 -5.68 -2.11 -4.17
CA LEU A 277 -4.96 -0.96 -4.68
C LEU A 277 -5.39 0.32 -3.95
N ASP A 278 -6.67 0.44 -3.60
CA ASP A 278 -7.12 1.58 -2.82
C ASP A 278 -6.45 1.63 -1.45
N ALA A 279 -6.34 0.48 -0.78
CA ALA A 279 -5.66 0.43 0.50
C ALA A 279 -4.18 0.77 0.34
N TYR A 280 -3.55 0.22 -0.69
CA TYR A 280 -2.13 0.51 -0.93
C TYR A 280 -1.92 1.99 -1.19
N ASN A 281 -2.78 2.60 -2.00
CA ASN A 281 -2.66 4.03 -2.27
C ASN A 281 -2.82 4.85 -1.00
N MET A 282 -3.75 4.47 -0.14
CA MET A 282 -3.92 5.17 1.13
C MET A 282 -2.63 5.14 1.93
N MET A 283 -1.97 3.98 1.94
CA MET A 283 -0.72 3.82 2.70
C MET A 283 0.41 4.66 2.11
N ILE A 284 0.60 4.59 0.79
CA ILE A 284 1.71 5.32 0.18
C ILE A 284 1.45 6.82 0.24
N SER A 285 0.22 7.25 -0.03
CA SER A 285 -0.12 8.66 0.04
C SER A 285 0.12 9.23 1.44
N ALA A 286 -0.02 8.39 2.47
CA ALA A 286 0.19 8.84 3.84
C ALA A 286 1.66 8.90 4.23
N GLY A 287 2.56 8.39 3.39
CA GLY A 287 3.99 8.51 3.62
C GLY A 287 4.73 7.24 3.98
N PHE A 288 4.09 6.08 3.91
CA PHE A 288 4.78 4.83 4.18
C PHE A 288 5.48 4.34 2.92
N SER A 289 6.59 3.63 3.11
CA SER A 289 7.31 3.03 2.00
C SER A 289 7.70 1.61 2.37
N LEU A 290 7.74 0.74 1.37
CA LEU A 290 7.98 -0.69 1.56
C LEU A 290 9.30 -1.10 0.94
N TRP A 291 10.02 -1.96 1.65
CA TRP A 291 11.35 -2.43 1.30
C TRP A 291 11.42 -3.92 1.57
N VAL A 292 12.26 -4.64 0.82
CA VAL A 292 12.26 -6.10 0.88
C VAL A 292 13.64 -6.65 0.54
N TYR A 293 13.90 -7.87 1.01
CA TYR A 293 15.13 -8.57 0.68
C TYR A 293 15.31 -8.66 -0.83
N LYS A 294 16.56 -8.57 -1.26
CA LYS A 294 16.85 -8.33 -2.67
C LYS A 294 16.48 -9.52 -3.55
N GLN A 295 16.33 -10.70 -2.99
CA GLN A 295 15.96 -11.88 -3.76
C GLN A 295 14.45 -12.01 -3.97
N PHE A 296 13.64 -11.11 -3.40
CA PHE A 296 12.20 -11.20 -3.58
C PHE A 296 11.85 -11.16 -5.07
N ASP A 297 11.08 -12.15 -5.52
CA ASP A 297 10.81 -12.32 -6.94
C ASP A 297 9.36 -12.71 -7.14
N THR A 298 8.58 -11.84 -7.81
CA THR A 298 7.17 -12.14 -8.04
C THR A 298 6.97 -13.37 -8.94
N TYR A 299 7.96 -13.79 -9.71
CA TYR A 299 7.79 -15.01 -10.48
C TYR A 299 7.62 -16.23 -9.58
N ASN A 300 8.23 -16.20 -8.40
CA ASN A 300 7.98 -17.25 -7.41
C ASN A 300 6.49 -17.31 -7.04
N LEU A 301 5.79 -16.17 -7.13
CA LEU A 301 4.37 -16.18 -6.84
C LEU A 301 3.56 -16.75 -8.01
N TRP A 302 3.92 -16.38 -9.25
CA TRP A 302 3.26 -17.00 -10.38
C TRP A 302 3.43 -18.52 -10.35
N ASN A 303 4.58 -19.00 -9.89
CA ASN A 303 4.85 -20.43 -9.89
C ASN A 303 3.98 -21.19 -8.89
N THR A 304 3.39 -20.50 -7.91
CA THR A 304 2.52 -21.18 -6.96
C THR A 304 1.27 -21.73 -7.64
N PHE A 305 0.94 -21.23 -8.82
CA PHE A 305 -0.20 -21.74 -9.56
C PHE A 305 0.15 -22.98 -10.39
N THR A 306 1.22 -23.69 -9.99
CA THR A 306 1.74 -24.83 -10.75
C THR A 306 2.41 -24.30 -12.01
N ARG A 307 1.69 -23.46 -12.75
CA ARG A 307 2.29 -22.65 -13.80
C ARG A 307 3.14 -21.57 -13.15
N SAH B . 5.29 -3.97 14.04
CA SAH B . 4.33 -3.28 14.89
CB SAH B . 4.89 -1.92 15.28
CG SAH B . 4.31 -1.36 16.57
SD SAH B . 4.88 0.33 16.95
C SAH B . 2.99 -3.11 14.19
O SAH B . 2.91 -3.27 12.97
OXT SAH B . 1.97 -2.80 14.83
C5' SAH B . 6.67 0.06 16.92
C4' SAH B . 7.15 -0.96 17.93
O4' SAH B . 8.54 -1.18 17.77
C3' SAH B . 6.96 -0.57 19.40
O3' SAH B . 6.36 -1.65 20.06
C2' SAH B . 8.36 -0.30 19.95
O2' SAH B . 8.51 -0.71 21.27
C1' SAH B . 9.22 -1.14 19.03
N9 SAH B . 10.57 -0.72 18.71
C8 SAH B . 11.01 0.49 18.28
N7 SAH B . 12.34 0.41 18.08
C5 SAH B . 12.73 -0.86 18.36
C6 SAH B . 13.96 -1.50 18.32
N6 SAH B . 15.06 -0.87 17.96
N1 SAH B . 14.01 -2.83 18.68
C2 SAH B . 12.90 -3.52 19.06
N3 SAH B . 11.69 -2.87 19.10
C4 SAH B . 11.63 -1.57 18.75
H2 SAH B . 12.96 -4.57 19.34
HN1 SAH B . 5.77 -3.45 13.55
HN2 SAH B . 5.03 -4.76 13.80
HA SAH B . 4.19 -3.80 15.70
HB1 SAH B . 4.69 -1.22 14.47
HB2 SAH B . 5.97 -2.00 15.39
HG1 SAH B . 4.59 -2.02 17.40
HG2 SAH B . 3.22 -1.35 16.50
H5'1 SAH B . 7.18 1.00 17.10
H5'2 SAH B . 6.95 -0.29 15.92
H4' SAH B . 6.53 -1.84 17.74
H3' SAH B . 6.33 0.31 19.53
HO3' SAH B . 6.96 -1.98 20.77
H2' SAH B . 8.60 0.76 19.97
HO2' SAH B . 9.16 -1.43 21.32
H1' SAH B . 9.32 -2.06 19.61
H8 SAH B . 10.39 1.38 18.12
HN61 SAH B . 15.02 0.10 17.70
HN62 SAH B . 15.95 -1.37 17.93
ZN ZN C . -9.64 -15.06 -10.42
#